data_4QBN
#
_entry.id   4QBN
#
_cell.length_a   86.221
_cell.length_b   99.329
_cell.length_c   109.868
_cell.angle_alpha   90.00
_cell.angle_beta   90.00
_cell.angle_gamma   90.00
#
_symmetry.space_group_name_H-M   'F 2 2 2'
#
loop_
_entity.id
_entity.type
_entity.pdbx_description
1 polymer Nuclease
2 non-polymer 'SULFATE ION'
3 water water
#
_entity_poly.entity_id   1
_entity_poly.type   'polypeptide(L)'
_entity_poly.pdbx_seq_one_letter_code
;ATKEGRVQKYAKERFEALGGLVRKLSYEGRSGAPDLLVILPRGVIWFVEVKKDENTKPDPHQLREHERFRKRGANVFVVG
SFKQVDKLIEHYY
;
_entity_poly.pdbx_strand_id   A,B
#
# COMPACT_ATOMS: atom_id res chain seq x y z
N ALA A 1 -12.04 -23.28 17.44
CA ALA A 1 -10.78 -22.93 18.07
C ALA A 1 -10.88 -21.59 18.82
N THR A 2 -10.24 -20.58 18.25
CA THR A 2 -10.42 -19.19 18.63
C THR A 2 -11.18 -18.60 17.41
N LYS A 3 -11.82 -17.43 17.54
CA LYS A 3 -12.46 -16.85 16.35
C LYS A 3 -11.44 -16.62 15.24
N GLU A 4 -10.28 -16.12 15.62
CA GLU A 4 -9.24 -15.77 14.68
C GLU A 4 -8.75 -17.06 14.04
N GLY A 5 -8.62 -18.10 14.87
CA GLY A 5 -8.19 -19.41 14.37
C GLY A 5 -9.15 -20.02 13.34
N ARG A 6 -10.46 -19.86 13.52
CA ARG A 6 -11.46 -20.38 12.58
C ARG A 6 -11.40 -19.66 11.23
N VAL A 7 -11.25 -18.33 11.26
CA VAL A 7 -11.16 -17.58 10.01
C VAL A 7 -9.87 -17.98 9.30
N GLN A 8 -8.80 -18.15 10.07
CA GLN A 8 -7.53 -18.51 9.46
C GLN A 8 -7.60 -19.88 8.77
N LYS A 9 -8.26 -20.83 9.42
CA LYS A 9 -8.39 -22.14 8.83
C LYS A 9 -9.22 -22.11 7.55
N TYR A 10 -10.27 -21.30 7.54
CA TYR A 10 -11.12 -21.22 6.34
C TYR A 10 -10.36 -20.61 5.20
N ALA A 11 -9.61 -19.57 5.53
CA ALA A 11 -8.82 -18.92 4.52
C ALA A 11 -7.81 -19.95 3.94
N LYS A 12 -7.16 -20.66 4.84
CA LYS A 12 -6.18 -21.63 4.36
C LYS A 12 -6.82 -22.61 3.42
N GLU A 13 -7.99 -23.13 3.78
CA GLU A 13 -8.70 -24.08 2.92
C GLU A 13 -9.15 -23.55 1.56
N ARG A 14 -9.65 -22.32 1.55
CA ARG A 14 -10.04 -21.67 0.29
C ARG A 14 -8.83 -21.47 -0.62
N PHE A 15 -7.70 -21.02 -0.07
CA PHE A 15 -6.51 -20.82 -0.89
C PHE A 15 -5.94 -22.12 -1.39
N GLU A 16 -5.93 -23.14 -0.54
CA GLU A 16 -5.43 -24.43 -1.00
C GLU A 16 -6.31 -25.03 -2.10
N ALA A 17 -7.61 -24.72 -2.07
CA ALA A 17 -8.55 -25.16 -3.14
C ALA A 17 -8.29 -24.51 -4.50
N LEU A 18 -7.60 -23.38 -4.52
CA LEU A 18 -7.19 -22.71 -5.73
C LEU A 18 -5.80 -23.15 -6.19
N GLY A 19 -5.20 -24.09 -5.51
CA GLY A 19 -3.88 -24.56 -5.88
C GLY A 19 -2.78 -23.86 -5.06
N GLY A 20 -3.15 -23.04 -4.09
CA GLY A 20 -2.17 -22.20 -3.35
C GLY A 20 -1.40 -22.98 -2.28
N LEU A 21 -0.24 -22.47 -1.88
CA LEU A 21 0.54 -23.07 -0.79
C LEU A 21 0.36 -22.07 0.32
N VAL A 22 0.04 -22.49 1.54
CA VAL A 22 -0.15 -21.51 2.62
C VAL A 22 0.84 -21.78 3.72
N ARG A 23 1.51 -20.74 4.25
CA ARG A 23 2.48 -20.94 5.36
C ARG A 23 2.19 -19.90 6.45
N LYS A 24 2.36 -20.29 7.71
CA LYS A 24 2.28 -19.34 8.84
C LYS A 24 3.64 -18.68 9.02
N LEU A 25 3.70 -17.37 8.83
CA LEU A 25 4.93 -16.63 8.74
C LEU A 25 5.34 -16.04 10.02
N SER A 26 6.65 -15.93 10.24
CA SER A 26 7.18 -15.19 11.40
C SER A 26 8.52 -14.61 10.92
N TYR A 27 9.08 -13.64 11.63
CA TYR A 27 10.38 -13.14 11.26
C TYR A 27 11.35 -13.60 12.30
N GLU A 28 12.60 -13.80 11.92
CA GLU A 28 13.62 -14.01 12.96
C GLU A 28 14.07 -12.68 13.51
N GLY A 29 13.86 -12.51 14.81
CA GLY A 29 14.28 -11.34 15.55
C GLY A 29 13.51 -10.05 15.23
N ARG A 30 12.27 -10.16 14.80
CA ARG A 30 11.52 -8.96 14.47
C ARG A 30 10.06 -9.35 14.59
N SER A 31 9.16 -8.44 14.98
CA SER A 31 7.73 -8.81 14.93
C SER A 31 7.07 -8.11 13.76
N GLY A 32 5.82 -8.45 13.55
CA GLY A 32 4.99 -7.70 12.61
C GLY A 32 4.77 -8.42 11.30
N ALA A 33 5.25 -9.65 11.18
CA ALA A 33 5.07 -10.39 9.89
C ALA A 33 3.58 -10.68 9.65
N PRO A 34 3.12 -10.59 8.41
CA PRO A 34 1.72 -11.01 8.13
C PRO A 34 1.46 -12.46 8.58
N ASP A 35 0.25 -12.75 9.05
CA ASP A 35 -0.04 -14.10 9.57
C ASP A 35 0.18 -15.19 8.54
N LEU A 36 -0.25 -14.95 7.29
CA LEU A 36 -0.16 -15.98 6.27
C LEU A 36 0.62 -15.55 5.05
N LEU A 37 1.49 -16.42 4.53
CA LEU A 37 2.07 -16.23 3.18
C LEU A 37 1.28 -17.19 2.29
N VAL A 38 0.81 -16.70 1.15
CA VAL A 38 -0.04 -17.49 0.27
C VAL A 38 0.65 -17.41 -1.08
N ILE A 39 1.01 -18.56 -1.61
CA ILE A 39 1.65 -18.58 -2.94
C ILE A 39 0.66 -19.23 -3.89
N LEU A 40 0.07 -18.47 -4.82
CA LEU A 40 -0.99 -18.94 -5.72
C LEU A 40 -0.35 -19.16 -7.10
N PRO A 41 -1.00 -19.97 -7.94
CA PRO A 41 -0.47 -20.27 -9.27
C PRO A 41 -0.14 -19.00 -10.07
N ARG A 42 0.87 -19.11 -10.92
CA ARG A 42 1.32 -18.05 -11.82
C ARG A 42 2.03 -16.97 -11.04
N GLY A 43 2.56 -17.32 -9.88
CA GLY A 43 3.52 -16.46 -9.22
C GLY A 43 2.84 -15.34 -8.47
N VAL A 44 1.57 -15.55 -8.18
CA VAL A 44 0.83 -14.54 -7.38
C VAL A 44 1.15 -14.71 -5.90
N ILE A 45 1.65 -13.64 -5.24
CA ILE A 45 2.06 -13.82 -3.84
C ILE A 45 1.18 -12.90 -2.99
N TRP A 46 0.51 -13.44 -1.98
CA TRP A 46 -0.35 -12.58 -1.11
C TRP A 46 0.15 -12.75 0.30
N PHE A 47 0.10 -11.67 1.05
CA PHE A 47 0.40 -11.73 2.47
C PHE A 47 -0.92 -11.40 3.12
N VAL A 48 -1.36 -12.26 4.01
CA VAL A 48 -2.71 -12.08 4.57
C VAL A 48 -2.69 -12.03 6.09
N GLU A 49 -3.27 -10.97 6.68
CA GLU A 49 -3.30 -10.85 8.12
C GLU A 49 -4.71 -11.25 8.54
N VAL A 50 -4.86 -12.08 9.57
CA VAL A 50 -6.20 -12.51 9.94
C VAL A 50 -6.57 -12.01 11.32
N LYS A 51 -7.76 -11.41 11.45
CA LYS A 51 -8.23 -10.89 12.72
C LYS A 51 -9.51 -11.58 13.18
N LYS A 52 -9.88 -11.34 14.43
CA LYS A 52 -11.00 -12.08 15.04
C LYS A 52 -12.39 -11.63 14.57
N ASP A 53 -12.46 -10.38 14.11
CA ASP A 53 -13.72 -9.82 13.60
C ASP A 53 -13.47 -8.63 12.68
N GLU A 54 -14.53 -8.11 12.06
CA GLU A 54 -14.36 -7.10 11.01
C GLU A 54 -14.04 -5.71 11.55
N ASN A 55 -14.17 -5.52 12.87
CA ASN A 55 -13.90 -4.23 13.50
C ASN A 55 -12.51 -4.19 14.15
N THR A 56 -11.75 -5.26 14.04
CA THR A 56 -10.47 -5.27 14.72
C THR A 56 -9.40 -4.82 13.74
N LYS A 57 -8.78 -3.68 14.00
CA LYS A 57 -7.68 -3.21 13.14
C LYS A 57 -6.38 -3.92 13.56
N PRO A 58 -5.45 -4.10 12.64
CA PRO A 58 -4.11 -4.58 13.03
C PRO A 58 -3.46 -3.58 13.99
N ASP A 59 -2.53 -4.03 14.82
CA ASP A 59 -1.84 -3.13 15.78
C ASP A 59 -0.92 -2.19 15.01
N PRO A 60 -0.47 -1.10 15.64
CA PRO A 60 0.40 -0.11 14.95
C PRO A 60 1.66 -0.68 14.28
N HIS A 61 2.40 -1.60 14.89
CA HIS A 61 3.60 -2.07 14.20
C HIS A 61 3.23 -2.88 13.00
N GLN A 62 2.07 -3.52 13.10
CA GLN A 62 1.61 -4.30 11.94
C GLN A 62 1.24 -3.36 10.82
N LEU A 63 0.50 -2.31 11.14
CA LEU A 63 0.08 -1.39 10.09
C LEU A 63 1.29 -0.77 9.35
N ARG A 64 2.34 -0.40 10.09
CA ARG A 64 3.50 0.23 9.44
C ARG A 64 4.17 -0.79 8.59
N GLU A 65 4.24 -2.03 9.07
CA GLU A 65 4.85 -3.10 8.23
C GLU A 65 4.03 -3.33 6.94
N HIS A 66 2.69 -3.34 7.05
CA HIS A 66 1.88 -3.51 5.81
C HIS A 66 2.15 -2.38 4.86
N GLU A 67 2.32 -1.19 5.39
CA GLU A 67 2.55 -0.09 4.45
C GLU A 67 3.94 -0.14 3.80
N ARG A 68 4.98 -0.60 4.52
CA ARG A 68 6.31 -0.79 3.92
C ARG A 68 6.23 -1.78 2.75
N PHE A 69 5.41 -2.81 2.93
CA PHE A 69 5.21 -3.80 1.87
C PHE A 69 4.46 -3.15 0.70
N ARG A 70 3.37 -2.47 0.99
CA ARG A 70 2.50 -1.99 -0.10
C ARG A 70 3.16 -0.85 -0.90
N LYS A 71 3.98 -0.01 -0.23
CA LYS A 71 4.76 1.06 -0.91
C LYS A 71 5.61 0.52 -2.05
N ARG A 72 6.09 -0.70 -1.87
CA ARG A 72 6.87 -1.42 -2.88
C ARG A 72 6.06 -2.25 -3.80
N GLY A 73 4.73 -2.25 -3.64
CA GLY A 73 3.87 -2.91 -4.62
C GLY A 73 3.40 -4.28 -4.23
N ALA A 74 3.71 -4.70 -3.00
CA ALA A 74 3.32 -6.07 -2.61
C ALA A 74 1.82 -6.15 -2.24
N ASN A 75 1.23 -7.35 -2.28
CA ASN A 75 -0.20 -7.55 -2.00
C ASN A 75 -0.37 -7.90 -0.54
N VAL A 76 -1.01 -7.04 0.26
CA VAL A 76 -1.16 -7.36 1.68
C VAL A 76 -2.61 -7.10 2.01
N PHE A 77 -3.27 -8.08 2.60
CA PHE A 77 -4.73 -7.97 2.81
C PHE A 77 -5.03 -8.31 4.22
N VAL A 78 -6.10 -7.72 4.78
CA VAL A 78 -6.49 -8.04 6.17
C VAL A 78 -7.91 -8.58 6.13
N VAL A 79 -8.16 -9.72 6.77
CA VAL A 79 -9.50 -10.29 6.75
C VAL A 79 -9.90 -10.64 8.15
N GLY A 80 -11.17 -10.53 8.45
CA GLY A 80 -11.57 -10.81 9.82
C GLY A 80 -12.86 -11.53 9.93
N SER A 81 -13.30 -12.11 8.83
CA SER A 81 -14.56 -12.86 8.88
C SER A 81 -14.55 -13.74 7.67
N PHE A 82 -15.42 -14.76 7.67
CA PHE A 82 -15.51 -15.63 6.47
C PHE A 82 -15.93 -14.84 5.24
N LYS A 83 -16.84 -13.88 5.43
CA LYS A 83 -17.31 -13.09 4.30
C LYS A 83 -16.15 -12.30 3.69
N GLN A 84 -15.26 -11.77 4.52
CA GLN A 84 -14.15 -11.02 3.99
C GLN A 84 -13.20 -11.90 3.22
N VAL A 85 -13.04 -13.16 3.62
CA VAL A 85 -12.19 -14.06 2.86
C VAL A 85 -12.81 -14.28 1.47
N ASP A 86 -14.09 -14.52 1.47
CA ASP A 86 -14.82 -14.73 0.19
C ASP A 86 -14.74 -13.51 -0.74
N LYS A 87 -14.88 -12.29 -0.18
CA LYS A 87 -14.79 -11.06 -0.99
C LYS A 87 -13.42 -10.81 -1.50
N LEU A 88 -12.42 -11.13 -0.69
CA LEU A 88 -11.04 -10.96 -1.15
C LEU A 88 -10.79 -11.82 -2.40
N ILE A 89 -11.19 -13.09 -2.34
CA ILE A 89 -10.98 -13.93 -3.50
C ILE A 89 -11.77 -13.45 -4.71
N GLU A 90 -13.03 -13.09 -4.48
CA GLU A 90 -13.88 -12.65 -5.58
C GLU A 90 -13.31 -11.43 -6.28
N HIS A 91 -12.78 -10.51 -5.49
CA HIS A 91 -12.40 -9.21 -6.06
C HIS A 91 -10.96 -9.09 -6.54
N TYR A 92 -10.07 -9.86 -5.96
CA TYR A 92 -8.63 -9.74 -6.18
C TYR A 92 -8.04 -10.92 -6.90
N TYR A 93 -8.72 -12.05 -6.94
CA TYR A 93 -8.08 -13.19 -7.63
C TYR A 93 -8.72 -13.36 -9.00
N ALA B 1 9.85 30.01 -2.49
CA ALA B 1 9.12 30.43 -1.29
C ALA B 1 9.26 29.43 -0.14
N THR B 2 8.40 28.41 -0.11
CA THR B 2 8.46 27.42 0.97
C THR B 2 9.33 26.23 0.56
N LYS B 3 9.78 25.46 1.55
CA LYS B 3 10.58 24.26 1.29
C LYS B 3 9.76 23.28 0.45
N GLU B 4 8.48 23.18 0.75
CA GLU B 4 7.58 22.28 0.04
C GLU B 4 7.42 22.68 -1.43
N GLY B 5 7.29 23.99 -1.66
CA GLY B 5 7.16 24.52 -3.00
C GLY B 5 8.37 24.20 -3.83
N ARG B 6 9.54 24.25 -3.22
CA ARG B 6 10.79 23.96 -3.91
C ARG B 6 10.81 22.48 -4.38
N VAL B 7 10.43 21.60 -3.47
CA VAL B 7 10.40 20.15 -3.82
C VAL B 7 9.37 19.85 -4.88
N GLN B 8 8.21 20.45 -4.72
CA GLN B 8 7.14 20.22 -5.68
C GLN B 8 7.53 20.71 -7.08
N LYS B 9 8.17 21.86 -7.13
CA LYS B 9 8.64 22.41 -8.41
C LYS B 9 9.64 21.50 -9.09
N TYR B 10 10.56 20.93 -8.30
CA TYR B 10 11.58 20.04 -8.82
C TYR B 10 10.95 18.74 -9.32
N ALA B 11 10.02 18.19 -8.54
CA ALA B 11 9.35 16.95 -8.94
C ALA B 11 8.58 17.18 -10.22
N LYS B 12 7.85 18.30 -10.28
CA LYS B 12 7.10 18.57 -11.53
C LYS B 12 8.02 18.59 -12.75
N GLU B 13 9.12 19.32 -12.65
CA GLU B 13 10.07 19.41 -13.76
C GLU B 13 10.67 18.06 -14.12
N ARG B 14 11.02 17.27 -13.11
CA ARG B 14 11.60 15.97 -13.44
C ARG B 14 10.62 15.03 -14.11
N PHE B 15 9.37 14.99 -13.63
CA PHE B 15 8.37 14.10 -14.25
C PHE B 15 8.04 14.60 -15.63
N GLU B 16 7.99 15.90 -15.81
CA GLU B 16 7.68 16.40 -17.17
C GLU B 16 8.79 16.11 -18.16
N ALA B 17 10.04 16.10 -17.70
CA ALA B 17 11.17 15.75 -18.56
C ALA B 17 11.17 14.29 -18.96
N LEU B 18 10.41 13.46 -18.24
CA LEU B 18 10.28 12.06 -18.64
C LEU B 18 9.12 11.88 -19.61
N GLY B 19 8.45 12.95 -19.98
CA GLY B 19 7.27 12.84 -20.85
C GLY B 19 5.96 12.84 -20.05
N GLY B 20 6.03 13.07 -18.72
CA GLY B 20 4.81 12.95 -17.91
C GLY B 20 3.89 14.16 -17.90
N LEU B 21 2.65 13.99 -17.44
CA LEU B 21 1.70 15.11 -17.29
C LEU B 21 1.55 15.24 -15.80
N VAL B 22 1.61 16.46 -15.26
CA VAL B 22 1.46 16.63 -13.81
C VAL B 22 0.29 17.55 -13.48
N ARG B 23 -0.53 17.16 -12.51
CA ARG B 23 -1.68 17.99 -12.15
C ARG B 23 -1.74 18.11 -10.64
N LYS B 24 -2.13 19.29 -10.18
CA LYS B 24 -2.34 19.50 -8.76
C LYS B 24 -3.75 19.08 -8.40
N LEU B 25 -3.84 18.11 -7.52
CA LEU B 25 -5.10 17.43 -7.27
C LEU B 25 -5.85 17.94 -6.02
N SER B 26 -7.18 17.84 -6.06
CA SER B 26 -7.99 18.00 -4.87
C SER B 26 -9.32 17.26 -5.09
N TYR B 27 -10.09 17.03 -4.03
CA TYR B 27 -11.38 16.37 -4.13
C TYR B 27 -12.50 17.37 -3.96
N GLU B 28 -13.64 17.10 -4.59
CA GLU B 28 -14.87 17.87 -4.31
C GLU B 28 -15.45 17.30 -3.03
N GLY B 29 -15.61 18.14 -2.01
CA GLY B 29 -16.26 17.76 -0.76
C GLY B 29 -15.54 16.76 0.11
N ARG B 30 -14.21 16.70 -0.01
CA ARG B 30 -13.37 15.77 0.74
C ARG B 30 -11.97 16.34 0.86
N SER B 31 -11.28 16.05 1.96
CA SER B 31 -9.86 16.43 2.00
C SER B 31 -8.98 15.17 1.95
N GLY B 32 -7.68 15.38 1.83
CA GLY B 32 -6.74 14.27 1.94
C GLY B 32 -6.18 13.80 0.64
N ALA B 33 -6.53 14.47 -0.47
CA ALA B 33 -6.07 14.04 -1.78
C ALA B 33 -4.58 14.21 -1.86
N PRO B 34 -3.91 13.30 -2.52
CA PRO B 34 -2.48 13.48 -2.81
C PRO B 34 -2.26 14.81 -3.54
N ASP B 35 -1.13 15.46 -3.27
CA ASP B 35 -0.83 16.75 -3.89
C ASP B 35 -0.74 16.69 -5.40
N LEU B 36 -0.10 15.67 -5.97
CA LEU B 36 0.16 15.61 -7.40
C LEU B 36 -0.40 14.33 -7.99
N LEU B 37 -1.00 14.46 -9.14
CA LEU B 37 -1.32 13.28 -9.95
C LEU B 37 -0.27 13.33 -11.06
N VAL B 38 0.42 12.22 -11.32
CA VAL B 38 1.45 12.20 -12.35
C VAL B 38 1.13 11.06 -13.32
N ILE B 39 1.04 11.35 -14.60
CA ILE B 39 0.75 10.35 -15.59
C ILE B 39 1.98 10.25 -16.47
N LEU B 40 2.66 9.09 -16.39
CA LEU B 40 3.93 8.88 -17.10
C LEU B 40 3.66 7.95 -18.29
N PRO B 41 4.54 7.99 -19.31
CA PRO B 41 4.37 7.11 -20.50
C PRO B 41 4.10 5.67 -20.16
N ARG B 42 3.32 4.99 -21.00
CA ARG B 42 2.91 3.61 -20.83
C ARG B 42 1.93 3.44 -19.72
N GLY B 43 1.21 4.49 -19.37
CA GLY B 43 0.04 4.33 -18.53
C GLY B 43 0.40 4.17 -17.07
N VAL B 44 1.58 4.66 -16.72
CA VAL B 44 2.02 4.57 -15.31
C VAL B 44 1.38 5.73 -14.55
N ILE B 45 0.67 5.44 -13.44
CA ILE B 45 -0.05 6.53 -12.75
C ILE B 45 0.55 6.59 -11.34
N TRP B 46 1.06 7.73 -10.93
CA TRP B 46 1.60 7.85 -9.58
C TRP B 46 0.83 8.94 -8.90
N PHE B 47 0.57 8.79 -7.61
CA PHE B 47 -0.01 9.88 -6.84
C PHE B 47 1.10 10.27 -5.89
N VAL B 48 1.45 11.54 -5.82
CA VAL B 48 2.64 11.92 -5.07
C VAL B 48 2.32 13.00 -4.06
N GLU B 49 2.69 12.73 -2.80
CA GLU B 49 2.53 13.71 -1.74
C GLU B 49 3.86 14.39 -1.45
N VAL B 50 3.87 15.72 -1.32
CA VAL B 50 5.10 16.47 -1.14
C VAL B 50 5.17 17.07 0.26
N LYS B 51 6.27 16.83 0.98
CA LYS B 51 6.42 17.35 2.34
C LYS B 51 7.63 18.27 2.40
N LYS B 52 7.79 19.03 3.47
CA LYS B 52 8.83 20.04 3.54
C LYS B 52 10.23 19.45 3.76
N ASP B 53 10.31 18.25 4.32
CA ASP B 53 11.62 17.64 4.56
C ASP B 53 11.46 16.15 4.70
N GLU B 54 12.58 15.42 4.77
CA GLU B 54 12.54 13.94 4.73
C GLU B 54 12.05 13.29 6.01
N ASN B 55 11.89 14.07 7.06
CA ASN B 55 11.44 13.54 8.33
C ASN B 55 10.00 13.96 8.69
N THR B 56 9.32 14.63 7.76
CA THR B 56 7.96 15.10 7.98
C THR B 56 6.98 14.05 7.46
N LYS B 57 6.17 13.54 8.37
CA LYS B 57 5.16 12.53 8.08
C LYS B 57 3.92 13.19 7.49
N PRO B 58 3.23 12.50 6.60
CA PRO B 58 1.91 12.99 6.22
C PRO B 58 1.01 12.96 7.44
N ASP B 59 0.00 13.81 7.46
CA ASP B 59 -0.96 13.88 8.55
C ASP B 59 -1.75 12.57 8.60
N PRO B 60 -2.38 12.23 9.74
CA PRO B 60 -3.14 10.97 9.83
C PRO B 60 -4.23 10.77 8.79
N HIS B 61 -5.00 11.80 8.48
CA HIS B 61 -6.05 11.58 7.49
C HIS B 61 -5.50 11.37 6.11
N GLN B 62 -4.31 11.93 5.81
CA GLN B 62 -3.65 11.66 4.52
C GLN B 62 -3.17 10.19 4.51
N LEU B 63 -2.58 9.78 5.62
CA LEU B 63 -2.06 8.40 5.71
C LEU B 63 -3.18 7.38 5.45
N ARG B 64 -4.34 7.60 6.04
CA ARG B 64 -5.48 6.68 5.84
C ARG B 64 -5.90 6.68 4.38
N GLU B 65 -5.94 7.87 3.75
CA GLU B 65 -6.26 7.93 2.32
C GLU B 65 -5.19 7.22 1.49
N HIS B 66 -3.91 7.41 1.83
CA HIS B 66 -2.87 6.67 1.08
C HIS B 66 -3.06 5.16 1.19
N GLU B 67 -3.48 4.73 2.37
CA GLU B 67 -3.72 3.27 2.57
C GLU B 67 -4.94 2.76 1.78
N ARG B 68 -6.01 3.56 1.68
CA ARG B 68 -7.18 3.14 0.85
C ARG B 68 -6.74 2.94 -0.60
N PHE B 69 -5.85 3.81 -1.09
CA PHE B 69 -5.34 3.69 -2.49
C PHE B 69 -4.46 2.49 -2.62
N ARG B 70 -3.51 2.35 -1.70
CA ARG B 70 -2.54 1.25 -1.86
C ARG B 70 -3.12 -0.15 -1.66
N LYS B 71 -4.13 -0.27 -0.78
CA LYS B 71 -4.85 -1.54 -0.55
C LYS B 71 -5.40 -2.14 -1.85
N ARG B 72 -5.80 -1.26 -2.75
CA ARG B 72 -6.33 -1.63 -4.04
C ARG B 72 -5.25 -1.69 -5.12
N GLY B 73 -3.99 -1.40 -4.77
CA GLY B 73 -2.87 -1.61 -5.70
C GLY B 73 -2.37 -0.33 -6.38
N ALA B 74 -2.86 0.84 -6.00
CA ALA B 74 -2.40 2.08 -6.65
C ALA B 74 -1.02 2.49 -6.11
N ASN B 75 -0.29 3.31 -6.85
CA ASN B 75 1.06 3.78 -6.51
C ASN B 75 0.95 5.12 -5.81
N VAL B 76 1.37 5.19 -4.56
CA VAL B 76 1.32 6.47 -3.83
C VAL B 76 2.64 6.64 -3.14
N PHE B 77 3.29 7.79 -3.33
CA PHE B 77 4.64 7.98 -2.82
C PHE B 77 4.70 9.28 -2.13
N VAL B 78 5.55 9.38 -1.11
CA VAL B 78 5.72 10.65 -0.40
C VAL B 78 7.16 11.05 -0.58
N VAL B 79 7.39 12.32 -0.94
CA VAL B 79 8.75 12.79 -1.11
C VAL B 79 8.91 14.10 -0.36
N GLY B 80 10.10 14.34 0.15
CA GLY B 80 10.36 15.52 0.97
C GLY B 80 11.70 16.13 0.68
N SER B 81 12.35 15.73 -0.41
CA SER B 81 13.62 16.38 -0.76
C SER B 81 13.90 16.07 -2.20
N PHE B 82 14.85 16.78 -2.81
CA PHE B 82 15.23 16.48 -4.20
C PHE B 82 15.79 15.09 -4.26
N LYS B 83 16.58 14.71 -3.26
CA LYS B 83 17.12 13.35 -3.25
C LYS B 83 16.04 12.29 -3.22
N GLN B 84 14.95 12.48 -2.47
CA GLN B 84 13.89 11.47 -2.51
C GLN B 84 13.19 11.38 -3.87
N VAL B 85 13.07 12.53 -4.54
CA VAL B 85 12.51 12.53 -5.89
C VAL B 85 13.40 11.72 -6.86
N ASP B 86 14.71 11.97 -6.83
CA ASP B 86 15.64 11.26 -7.69
C ASP B 86 15.64 9.75 -7.39
N LYS B 87 15.62 9.39 -6.12
CA LYS B 87 15.57 7.94 -5.80
C LYS B 87 14.27 7.28 -6.20
N LEU B 88 13.16 8.00 -6.06
CA LEU B 88 11.86 7.45 -6.52
C LEU B 88 11.93 7.16 -7.99
N ILE B 89 12.43 8.10 -8.80
CA ILE B 89 12.51 7.82 -10.21
C ILE B 89 13.48 6.69 -10.54
N GLU B 90 14.65 6.70 -9.89
CA GLU B 90 15.67 5.67 -10.15
C GLU B 90 15.18 4.25 -9.81
N HIS B 91 14.46 4.12 -8.71
CA HIS B 91 14.04 2.79 -8.21
C HIS B 91 12.72 2.28 -8.71
N TYR B 92 11.80 3.20 -9.05
CA TYR B 92 10.42 2.81 -9.43
C TYR B 92 10.06 3.04 -10.87
N TYR B 93 10.82 3.84 -11.61
CA TYR B 93 10.45 4.03 -13.02
C TYR B 93 11.46 3.32 -13.94
#